data_4IYA
#
_entry.id   4IYA
#
_cell.length_a   85.340
_cell.length_b   89.320
_cell.length_c   38.100
_cell.angle_alpha   90.00
_cell.angle_beta   90.00
_cell.angle_gamma   90.00
#
_symmetry.space_group_name_H-M   'P 21 21 2'
#
loop_
_entity.id
_entity.type
_entity.pdbx_description
1 polymer LukS-PV
2 non-polymer 'CITRATE ANION'
3 non-polymer 1,2-ETHANEDIOL
4 water water
#
_entity_poly.entity_id   1
_entity_poly.type   'polypeptide(L)'
_entity_poly.pdbx_seq_one_letter_code
;GPLGSPEFDNNIENIGDGAEVVKRTEDTSSDKWGVTQNIQFDFVKDKKYNKDALILKMQGFINSKTTYYNYKNTDHIKAM
RWPFQYNIGLKTNDPNVDLINYLPKNKIDSVNVSQTLGYNIGGNFNSGPSTGGNGSFNYSKTISYNQQNYISEVEHQNSK
SVQWGIKANSFITSLGKMSGHDPNLFVGYKPYSQNPRDYFVPDNELPPLVHSGFNPSFIATVSHEKGSGDTSEFEITYGR
NMDVTHATRRTTHYGNSALEGSRIHNAFVNRNYTVKYEVNWKTHEIKVKGHN
;
_entity_poly.pdbx_strand_id   A
#
loop_
_chem_comp.id
_chem_comp.type
_chem_comp.name
_chem_comp.formula
EDO non-polymer 1,2-ETHANEDIOL 'C2 H6 O2'
FLC non-polymer 'CITRATE ANION' 'C6 H5 O7 -3'
#
# COMPACT_ATOMS: atom_id res chain seq x y z
N ASN A 10 -4.37 25.69 -11.61
CA ASN A 10 -5.00 25.11 -12.78
C ASN A 10 -6.34 24.44 -12.44
N ASN A 11 -6.44 23.76 -11.28
CA ASN A 11 -7.66 23.09 -10.83
C ASN A 11 -7.91 23.49 -9.37
N ILE A 12 -8.84 24.44 -9.14
CA ILE A 12 -9.09 24.97 -7.82
C ILE A 12 -10.57 24.79 -7.47
N GLU A 13 -10.86 24.34 -6.24
CA GLU A 13 -12.23 24.17 -5.77
C GLU A 13 -12.50 25.16 -4.64
N ASN A 14 -13.60 25.91 -4.73
CA ASN A 14 -14.01 26.83 -3.67
C ASN A 14 -14.65 25.94 -2.63
N ILE A 15 -14.23 26.06 -1.36
CA ILE A 15 -14.77 25.21 -0.30
C ILE A 15 -15.52 26.01 0.74
N GLY A 16 -15.86 27.24 0.38
CA GLY A 16 -16.65 28.13 1.19
C GLY A 16 -15.89 28.91 2.21
N ASP A 17 -16.55 29.95 2.74
CA ASP A 17 -16.01 30.80 3.80
C ASP A 17 -14.60 31.37 3.49
N GLY A 18 -14.38 31.72 2.21
CA GLY A 18 -13.13 32.29 1.70
C GLY A 18 -11.99 31.32 1.41
N ALA A 19 -12.19 30.02 1.67
CA ALA A 19 -11.14 29.00 1.48
C ALA A 19 -11.24 28.28 0.16
N GLU A 20 -10.12 27.69 -0.29
CA GLU A 20 -10.12 26.94 -1.53
C GLU A 20 -9.13 25.80 -1.44
N VAL A 21 -9.27 24.85 -2.36
CA VAL A 21 -8.35 23.71 -2.45
C VAL A 21 -7.73 23.71 -3.83
N VAL A 22 -6.38 23.64 -3.87
CA VAL A 22 -5.63 23.65 -5.14
C VAL A 22 -5.25 22.21 -5.38
N LYS A 23 -5.72 21.62 -6.49
CA LYS A 23 -5.55 20.18 -6.73
C LYS A 23 -4.54 19.89 -7.80
N ARG A 24 -3.67 18.91 -7.55
N ARG A 24 -3.65 18.93 -7.52
CA ARG A 24 -2.69 18.46 -8.55
CA ARG A 24 -2.59 18.49 -8.43
C ARG A 24 -2.56 16.97 -8.42
C ARG A 24 -2.51 16.96 -8.39
N THR A 25 -2.35 16.26 -9.53
CA THR A 25 -2.20 14.81 -9.53
C THR A 25 -0.87 14.48 -10.20
N GLU A 26 -0.09 13.56 -9.61
CA GLU A 26 1.12 13.05 -10.25
C GLU A 26 0.89 11.56 -10.51
N ASP A 27 1.31 11.06 -11.68
CA ASP A 27 1.15 9.64 -11.96
C ASP A 27 2.47 9.18 -12.59
N THR A 28 3.15 8.25 -11.90
N THR A 28 3.14 8.24 -11.91
CA THR A 28 4.46 7.73 -12.35
CA THR A 28 4.42 7.70 -12.37
C THR A 28 4.46 6.23 -12.19
C THR A 28 4.41 6.21 -12.22
N SER A 29 4.89 5.51 -13.23
CA SER A 29 4.93 4.05 -13.22
C SER A 29 6.36 3.57 -13.42
N SER A 30 6.61 2.37 -12.89
CA SER A 30 7.89 1.68 -13.01
C SER A 30 7.66 0.28 -13.49
N ASP A 31 8.17 -0.02 -14.71
CA ASP A 31 8.10 -1.39 -15.21
C ASP A 31 9.01 -2.30 -14.40
N LYS A 32 10.14 -1.75 -13.94
CA LYS A 32 11.10 -2.50 -13.15
C LYS A 32 10.43 -3.02 -11.87
N TRP A 33 9.80 -2.08 -11.12
CA TRP A 33 9.21 -2.46 -9.84
C TRP A 33 7.80 -3.01 -9.92
N GLY A 34 7.13 -2.80 -11.05
CA GLY A 34 5.73 -3.21 -11.22
C GLY A 34 4.84 -2.36 -10.33
N VAL A 35 5.05 -1.03 -10.38
CA VAL A 35 4.31 -0.11 -9.50
C VAL A 35 3.84 1.11 -10.29
N THR A 36 2.63 1.57 -9.96
CA THR A 36 2.15 2.86 -10.40
C THR A 36 1.83 3.65 -9.15
N GLN A 37 2.45 4.84 -9.00
CA GLN A 37 2.06 5.76 -7.94
C GLN A 37 1.17 6.82 -8.58
N ASN A 38 -0.10 6.89 -8.13
CA ASN A 38 -1.01 7.94 -8.63
C ASN A 38 -1.31 8.71 -7.35
N ILE A 39 -0.75 9.92 -7.25
N ILE A 39 -0.76 9.92 -7.22
CA ILE A 39 -0.87 10.72 -6.03
CA ILE A 39 -0.92 10.67 -5.96
C ILE A 39 -1.70 11.96 -6.29
C ILE A 39 -1.59 12.01 -6.17
N GLN A 40 -2.63 12.26 -5.37
CA GLN A 40 -3.39 13.50 -5.42
C GLN A 40 -2.79 14.40 -4.36
N PHE A 41 -2.44 15.62 -4.75
CA PHE A 41 -1.90 16.62 -3.84
C PHE A 41 -2.92 17.72 -3.74
N ASP A 42 -3.59 17.85 -2.60
CA ASP A 42 -4.61 18.88 -2.43
C ASP A 42 -4.17 19.89 -1.39
N PHE A 43 -3.78 21.10 -1.82
CA PHE A 43 -3.39 22.19 -0.91
C PHE A 43 -4.64 22.83 -0.38
N VAL A 44 -4.76 22.95 0.94
CA VAL A 44 -5.90 23.63 1.52
C VAL A 44 -5.47 25.06 1.79
N LYS A 45 -6.06 26.02 1.08
CA LYS A 45 -5.71 27.44 1.23
C LYS A 45 -6.81 28.05 2.06
N ASP A 46 -6.55 28.22 3.35
CA ASP A 46 -7.56 28.73 4.27
C ASP A 46 -6.90 29.78 5.16
N LYS A 47 -7.28 31.06 4.99
CA LYS A 47 -6.73 32.16 5.79
C LYS A 47 -6.96 31.98 7.28
N LYS A 48 -8.01 31.21 7.65
CA LYS A 48 -8.39 30.97 9.04
C LYS A 48 -7.62 29.83 9.71
N TYR A 49 -6.79 29.11 8.95
CA TYR A 49 -5.94 28.07 9.54
C TYR A 49 -4.53 28.68 9.55
N ASN A 50 -3.87 28.70 10.71
CA ASN A 50 -2.58 29.37 10.84
C ASN A 50 -1.35 28.62 10.25
N LYS A 51 -1.57 27.47 9.64
CA LYS A 51 -0.53 26.74 8.92
C LYS A 51 -1.04 26.45 7.52
N ASP A 52 -0.12 26.16 6.61
CA ASP A 52 -0.44 25.68 5.27
C ASP A 52 -0.74 24.20 5.45
N ALA A 53 -1.64 23.64 4.67
CA ALA A 53 -1.94 22.22 4.80
C ALA A 53 -1.95 21.59 3.42
N LEU A 54 -1.51 20.34 3.36
CA LEU A 54 -1.51 19.58 2.14
C LEU A 54 -2.07 18.20 2.43
N ILE A 55 -3.16 17.83 1.75
CA ILE A 55 -3.71 16.49 1.91
C ILE A 55 -3.18 15.67 0.76
N LEU A 56 -2.61 14.48 1.05
CA LEU A 56 -2.11 13.57 0.01
C LEU A 56 -2.96 12.33 -0.02
N LYS A 57 -3.43 11.98 -1.22
CA LYS A 57 -4.18 10.74 -1.37
C LYS A 57 -3.34 9.87 -2.26
N MET A 58 -2.87 8.77 -1.71
CA MET A 58 -1.95 7.88 -2.38
C MET A 58 -2.67 6.67 -2.91
N GLN A 59 -2.76 6.58 -4.25
N GLN A 59 -2.78 6.57 -4.24
CA GLN A 59 -3.44 5.49 -4.95
CA GLN A 59 -3.44 5.46 -4.92
C GLN A 59 -2.50 4.92 -6.01
C GLN A 59 -2.51 4.88 -5.99
N GLY A 60 -3.04 4.13 -6.93
CA GLY A 60 -2.20 3.52 -7.95
C GLY A 60 -2.31 2.01 -7.82
N PHE A 61 -1.23 1.30 -8.12
CA PHE A 61 -1.29 -0.14 -8.12
C PHE A 61 0.10 -0.71 -7.85
N ILE A 62 0.17 -1.80 -7.11
CA ILE A 62 1.42 -2.51 -6.89
C ILE A 62 1.18 -3.94 -7.38
N ASN A 63 1.87 -4.34 -8.45
CA ASN A 63 1.71 -5.70 -8.97
C ASN A 63 2.16 -6.69 -7.87
N SER A 64 1.51 -7.86 -7.79
CA SER A 64 1.98 -8.83 -6.79
C SER A 64 3.39 -9.32 -7.11
N LYS A 65 3.75 -9.39 -8.42
CA LYS A 65 5.04 -9.93 -8.85
C LYS A 65 5.21 -11.41 -8.42
N THR A 66 4.08 -12.12 -8.21
CA THR A 66 4.17 -13.52 -7.80
C THR A 66 4.75 -14.33 -8.95
N THR A 67 5.74 -15.17 -8.64
CA THR A 67 6.39 -15.98 -9.67
C THR A 67 6.62 -17.37 -9.14
N TYR A 68 6.89 -18.28 -10.09
CA TYR A 68 7.09 -19.69 -9.82
C TYR A 68 8.33 -20.12 -10.52
N TYR A 69 9.15 -20.89 -9.82
CA TYR A 69 10.41 -21.33 -10.43
C TYR A 69 10.92 -22.62 -9.82
N ASN A 70 11.90 -23.25 -10.49
CA ASN A 70 12.47 -24.47 -9.96
C ASN A 70 13.49 -24.05 -8.88
N TYR A 71 13.35 -24.56 -7.64
CA TYR A 71 14.27 -24.16 -6.57
C TYR A 71 15.64 -24.78 -6.90
N LYS A 72 16.64 -23.91 -7.17
CA LYS A 72 18.01 -24.35 -7.56
C LYS A 72 18.02 -25.32 -8.73
N ASN A 73 17.03 -25.23 -9.64
CA ASN A 73 16.81 -26.09 -10.80
C ASN A 73 16.83 -27.57 -10.43
N THR A 74 16.33 -27.89 -9.20
CA THR A 74 16.25 -29.29 -8.74
C THR A 74 15.14 -29.99 -9.51
N ASP A 75 15.08 -31.32 -9.40
CA ASP A 75 14.06 -32.07 -10.08
C ASP A 75 12.71 -31.94 -9.40
N HIS A 76 12.70 -31.90 -8.06
CA HIS A 76 11.45 -32.02 -7.33
C HIS A 76 11.08 -30.95 -6.37
N ILE A 77 11.84 -29.85 -6.31
CA ILE A 77 11.49 -28.77 -5.40
C ILE A 77 11.11 -27.56 -6.24
N LYS A 78 9.89 -27.09 -6.05
CA LYS A 78 9.44 -25.91 -6.77
C LYS A 78 9.20 -24.79 -5.80
N ALA A 79 9.26 -23.56 -6.32
CA ALA A 79 9.13 -22.40 -5.44
C ALA A 79 8.16 -21.40 -5.98
N MET A 80 7.46 -20.76 -5.05
CA MET A 80 6.49 -19.69 -5.31
C MET A 80 6.96 -18.48 -4.52
N ARG A 81 7.22 -17.38 -5.20
CA ARG A 81 7.65 -16.11 -4.62
C ARG A 81 6.43 -15.21 -4.63
N TRP A 82 6.01 -14.72 -3.48
CA TRP A 82 4.73 -14.02 -3.40
C TRP A 82 4.78 -12.90 -2.36
N PRO A 83 3.90 -11.88 -2.46
CA PRO A 83 4.02 -10.74 -1.56
C PRO A 83 3.41 -10.98 -0.19
N PHE A 84 4.26 -11.20 0.81
CA PHE A 84 3.78 -11.36 2.17
C PHE A 84 3.19 -10.02 2.66
N GLN A 85 3.80 -8.90 2.28
CA GLN A 85 3.33 -7.59 2.72
C GLN A 85 3.52 -6.60 1.60
N TYR A 86 2.59 -5.65 1.54
CA TYR A 86 2.70 -4.48 0.71
C TYR A 86 3.14 -3.33 1.61
N ASN A 87 4.01 -2.49 1.09
CA ASN A 87 4.59 -1.34 1.80
C ASN A 87 4.10 -0.03 1.20
N ILE A 88 3.56 0.89 2.05
CA ILE A 88 3.16 2.23 1.60
C ILE A 88 3.78 3.19 2.59
N GLY A 89 4.60 4.11 2.14
CA GLY A 89 5.24 5.02 3.08
C GLY A 89 5.38 6.42 2.55
N LEU A 90 5.36 7.40 3.47
CA LEU A 90 5.54 8.81 3.13
C LEU A 90 6.49 9.41 4.13
N LYS A 91 7.47 10.21 3.66
CA LYS A 91 8.35 10.89 4.61
C LYS A 91 8.81 12.20 4.07
N THR A 92 9.18 13.12 4.97
CA THR A 92 9.77 14.41 4.59
C THR A 92 10.97 14.69 5.47
N ASN A 93 11.90 15.55 5.00
CA ASN A 93 13.03 15.93 5.84
C ASN A 93 12.90 17.42 6.18
N ASP A 94 11.76 18.05 5.85
CA ASP A 94 11.61 19.48 6.12
C ASP A 94 11.24 19.70 7.58
N PRO A 95 12.08 20.39 8.37
CA PRO A 95 11.73 20.59 9.79
C PRO A 95 10.47 21.46 9.94
N ASN A 96 10.06 22.18 8.88
CA ASN A 96 8.90 23.09 8.89
C ASN A 96 7.59 22.37 8.59
N VAL A 97 7.65 21.06 8.33
CA VAL A 97 6.47 20.25 7.99
C VAL A 97 6.20 19.26 9.10
N ASP A 98 4.90 19.09 9.46
CA ASP A 98 4.46 18.09 10.43
C ASP A 98 3.34 17.25 9.84
N LEU A 99 3.42 15.96 10.05
CA LEU A 99 2.35 15.02 9.70
C LEU A 99 1.30 15.21 10.78
N ILE A 100 0.08 15.57 10.37
CA ILE A 100 -0.99 15.86 11.33
C ILE A 100 -2.10 14.82 11.36
N ASN A 101 -2.29 14.02 10.28
CA ASN A 101 -3.24 12.91 10.28
C ASN A 101 -2.90 11.93 9.19
N TYR A 102 -3.46 10.72 9.27
CA TYR A 102 -3.22 9.71 8.27
C TYR A 102 -4.35 8.71 8.42
N LEU A 103 -4.75 8.11 7.30
CA LEU A 103 -5.82 7.12 7.26
C LEU A 103 -5.41 5.99 6.36
N PRO A 104 -5.67 4.73 6.75
CA PRO A 104 -6.23 4.32 8.06
C PRO A 104 -5.27 4.53 9.22
N LYS A 105 -5.79 4.93 10.37
CA LYS A 105 -4.98 5.18 11.55
C LYS A 105 -4.77 3.92 12.37
N ASN A 106 -5.81 3.09 12.51
CA ASN A 106 -5.80 1.91 13.37
C ASN A 106 -5.70 0.64 12.57
N LYS A 107 -5.15 -0.41 13.22
CA LYS A 107 -5.07 -1.72 12.63
C LYS A 107 -6.48 -2.13 12.15
N ILE A 108 -6.57 -2.62 10.91
CA ILE A 108 -7.86 -2.96 10.33
C ILE A 108 -7.77 -4.17 9.43
N ASP A 109 -8.63 -5.19 9.66
CA ASP A 109 -8.64 -6.41 8.86
C ASP A 109 -9.89 -6.58 7.97
N SER A 110 -10.74 -5.55 7.92
CA SER A 110 -11.95 -5.51 7.08
C SER A 110 -11.54 -5.82 5.65
N VAL A 111 -12.31 -6.65 4.92
CA VAL A 111 -11.99 -6.95 3.51
C VAL A 111 -11.93 -5.62 2.72
N ASN A 112 -12.87 -4.71 2.99
CA ASN A 112 -12.85 -3.41 2.36
C ASN A 112 -12.60 -2.35 3.43
N VAL A 113 -11.63 -1.49 3.18
CA VAL A 113 -11.26 -0.38 4.03
C VAL A 113 -11.81 0.86 3.32
N SER A 114 -12.74 1.60 3.96
CA SER A 114 -13.36 2.78 3.34
C SER A 114 -13.49 3.83 4.42
N GLN A 115 -12.77 4.94 4.27
CA GLN A 115 -12.75 5.96 5.32
C GLN A 115 -12.74 7.34 4.71
N THR A 116 -13.17 8.33 5.48
CA THR A 116 -13.20 9.71 4.99
C THR A 116 -12.49 10.64 5.93
N LEU A 117 -11.69 11.56 5.34
CA LEU A 117 -11.07 12.66 6.05
C LEU A 117 -11.87 13.91 5.71
N GLY A 118 -12.48 14.53 6.71
CA GLY A 118 -13.26 15.74 6.48
C GLY A 118 -12.52 16.95 7.02
N TYR A 119 -12.66 18.08 6.31
CA TYR A 119 -12.00 19.32 6.74
C TYR A 119 -13.03 20.38 7.00
N ASN A 120 -12.89 21.13 8.12
CA ASN A 120 -13.71 22.30 8.37
C ASN A 120 -12.77 23.48 8.57
N ILE A 121 -13.17 24.65 8.08
CA ILE A 121 -12.40 25.91 8.19
C ILE A 121 -11.71 26.06 9.55
N GLY A 122 -10.46 26.50 9.54
CA GLY A 122 -9.70 26.72 10.76
C GLY A 122 -8.77 25.60 11.13
N GLY A 123 -8.50 24.68 10.20
CA GLY A 123 -7.59 23.58 10.47
C GLY A 123 -8.21 22.42 11.23
N ASN A 124 -9.51 22.22 11.08
CA ASN A 124 -10.23 21.15 11.77
C ASN A 124 -10.41 19.93 10.91
N PHE A 125 -9.87 18.80 11.36
CA PHE A 125 -9.95 17.55 10.60
C PHE A 125 -10.70 16.51 11.37
N ASN A 126 -11.46 15.68 10.62
CA ASN A 126 -12.26 14.61 11.18
C ASN A 126 -12.01 13.34 10.39
N SER A 127 -11.80 12.22 11.09
CA SER A 127 -11.63 10.92 10.44
C SER A 127 -12.85 10.07 10.80
N GLY A 128 -13.50 9.48 9.80
CA GLY A 128 -14.69 8.69 10.06
C GLY A 128 -15.12 7.84 8.90
N PRO A 129 -16.25 7.14 9.07
CA PRO A 129 -16.74 6.26 7.99
C PRO A 129 -17.06 7.04 6.74
N SER A 130 -16.82 6.41 5.59
CA SER A 130 -17.16 7.01 4.31
C SER A 130 -18.66 7.15 4.14
N THR A 131 -19.45 6.33 4.88
CA THR A 131 -20.93 6.39 4.85
C THR A 131 -21.48 7.63 5.60
N GLY A 132 -20.60 8.36 6.27
CA GLY A 132 -20.96 9.59 6.99
C GLY A 132 -21.41 9.42 8.42
N GLY A 133 -22.22 10.37 8.87
CA GLY A 133 -22.70 10.40 10.23
C GLY A 133 -21.83 11.21 11.17
N ASN A 134 -20.75 11.84 10.63
CA ASN A 134 -19.85 12.65 11.46
C ASN A 134 -20.07 14.15 11.32
N GLY A 135 -20.92 14.55 10.38
CA GLY A 135 -21.16 15.96 10.14
C GLY A 135 -20.86 16.42 8.74
N SER A 136 -21.02 17.72 8.56
CA SER A 136 -20.82 18.43 7.30
C SER A 136 -19.41 19.02 7.25
N PHE A 137 -18.75 18.85 6.10
CA PHE A 137 -17.40 19.36 5.93
C PHE A 137 -17.33 20.43 4.83
N ASN A 138 -16.32 21.31 4.90
CA ASN A 138 -16.06 22.23 3.80
C ASN A 138 -15.42 21.43 2.63
N TYR A 139 -14.63 20.38 2.94
CA TYR A 139 -13.97 19.56 1.93
C TYR A 139 -13.74 18.19 2.50
N SER A 140 -13.73 17.17 1.67
CA SER A 140 -13.44 15.84 2.17
C SER A 140 -12.74 15.00 1.14
N LYS A 141 -12.03 13.98 1.60
CA LYS A 141 -11.34 13.00 0.75
C LYS A 141 -11.65 11.64 1.31
N THR A 142 -11.84 10.65 0.43
CA THR A 142 -12.20 9.31 0.85
C THR A 142 -11.22 8.32 0.31
N ILE A 143 -10.91 7.30 1.11
CA ILE A 143 -10.08 6.20 0.64
C ILE A 143 -10.95 4.95 0.57
N SER A 144 -10.60 4.02 -0.34
CA SER A 144 -11.29 2.74 -0.46
C SER A 144 -10.36 1.74 -1.07
N TYR A 145 -10.14 0.63 -0.37
CA TYR A 145 -9.35 -0.46 -0.95
C TYR A 145 -9.76 -1.79 -0.42
N ASN A 146 -9.57 -2.84 -1.24
CA ASN A 146 -9.81 -4.20 -0.81
C ASN A 146 -8.52 -4.86 -0.40
N GLN A 147 -8.60 -5.74 0.61
CA GLN A 147 -7.43 -6.43 1.14
C GLN A 147 -7.80 -7.81 1.65
N GLN A 148 -8.55 -8.53 0.83
CA GLN A 148 -8.97 -9.87 1.21
C GLN A 148 -7.79 -10.74 1.67
N ASN A 149 -7.93 -11.34 2.88
CA ASN A 149 -6.96 -12.22 3.56
C ASN A 149 -5.80 -11.47 4.15
N TYR A 150 -5.76 -10.14 4.01
CA TYR A 150 -4.66 -9.31 4.52
C TYR A 150 -5.13 -8.39 5.65
N ILE A 151 -4.19 -7.77 6.32
CA ILE A 151 -4.50 -6.85 7.42
C ILE A 151 -3.61 -5.62 7.27
N SER A 152 -4.19 -4.45 7.52
CA SER A 152 -3.45 -3.20 7.44
C SER A 152 -3.08 -2.67 8.79
N GLU A 153 -1.84 -2.20 8.93
CA GLU A 153 -1.44 -1.55 10.17
C GLU A 153 -0.41 -0.48 9.91
N VAL A 154 -0.33 0.53 10.77
CA VAL A 154 0.71 1.54 10.67
C VAL A 154 1.92 0.91 11.39
N GLU A 155 3.02 0.71 10.65
CA GLU A 155 4.24 0.13 11.24
C GLU A 155 5.00 1.15 12.02
N HIS A 156 4.94 2.43 11.60
CA HIS A 156 5.55 3.52 12.33
C HIS A 156 5.03 4.82 11.86
N GLN A 157 5.01 5.78 12.78
CA GLN A 157 4.58 7.14 12.45
C GLN A 157 5.22 8.11 13.39
N ASN A 158 5.54 9.30 12.89
CA ASN A 158 6.07 10.38 13.74
C ASN A 158 5.73 11.67 13.01
N SER A 159 6.28 12.81 13.45
CA SER A 159 5.93 14.07 12.83
C SER A 159 6.41 14.25 11.42
N LYS A 160 7.25 13.33 10.90
CA LYS A 160 7.82 13.49 9.58
C LYS A 160 7.54 12.32 8.66
N SER A 161 6.89 11.28 9.14
CA SER A 161 6.71 10.07 8.33
C SER A 161 5.61 9.18 8.82
N VAL A 162 5.09 8.34 7.93
CA VAL A 162 4.12 7.31 8.22
C VAL A 162 4.38 6.17 7.25
N GLN A 163 4.33 4.95 7.77
CA GLN A 163 4.51 3.75 6.97
C GLN A 163 3.43 2.76 7.34
N TRP A 164 2.73 2.23 6.33
CA TRP A 164 1.76 1.16 6.50
C TRP A 164 2.33 -0.13 5.93
N GLY A 165 1.89 -1.25 6.54
CA GLY A 165 2.15 -2.56 6.00
C GLY A 165 0.80 -3.24 5.85
N ILE A 166 0.58 -3.90 4.71
CA ILE A 166 -0.67 -4.59 4.40
C ILE A 166 -0.21 -6.01 4.21
N LYS A 167 -0.41 -6.82 5.26
CA LYS A 167 0.22 -8.13 5.29
C LYS A 167 -0.68 -9.33 5.31
N ALA A 168 -0.17 -10.47 4.81
CA ALA A 168 -0.89 -11.73 4.78
C ALA A 168 -1.35 -12.10 6.18
N ASN A 169 -2.66 -12.32 6.35
CA ASN A 169 -3.20 -12.49 7.68
C ASN A 169 -3.90 -13.82 7.94
N SER A 170 -5.00 -14.08 7.24
CA SER A 170 -5.80 -15.29 7.49
C SER A 170 -6.42 -15.80 6.22
N PHE A 171 -6.31 -17.12 5.99
CA PHE A 171 -6.72 -17.75 4.74
C PHE A 171 -7.55 -18.97 4.99
N ILE A 172 -8.49 -19.26 4.08
CA ILE A 172 -9.28 -20.50 4.11
C ILE A 172 -8.66 -21.40 3.06
N THR A 173 -8.14 -22.53 3.50
CA THR A 173 -7.42 -23.46 2.61
C THR A 173 -8.16 -24.80 2.58
N SER A 174 -7.61 -25.77 1.82
CA SER A 174 -8.18 -27.11 1.73
C SER A 174 -8.04 -27.85 3.08
N LEU A 175 -7.14 -27.34 3.96
CA LEU A 175 -6.85 -27.90 5.28
C LEU A 175 -7.44 -27.06 6.43
N GLY A 176 -8.32 -26.13 6.09
CA GLY A 176 -8.99 -25.25 7.04
C GLY A 176 -8.35 -23.89 7.07
N LYS A 177 -8.47 -23.20 8.22
CA LYS A 177 -7.89 -21.86 8.43
C LYS A 177 -6.37 -21.94 8.61
N MET A 178 -5.69 -21.00 7.96
CA MET A 178 -4.22 -20.91 8.00
C MET A 178 -3.86 -19.45 8.24
N SER A 179 -2.82 -19.18 9.04
CA SER A 179 -2.34 -17.82 9.22
C SER A 179 -1.41 -17.53 8.03
N GLY A 180 -1.06 -16.27 7.87
CA GLY A 180 -0.11 -15.85 6.85
C GLY A 180 1.29 -16.42 7.00
N HIS A 181 1.61 -17.04 8.16
CA HIS A 181 2.93 -17.65 8.38
C HIS A 181 2.96 -19.17 8.17
N ASP A 182 1.81 -19.79 7.90
CA ASP A 182 1.75 -21.24 7.79
C ASP A 182 2.60 -21.72 6.60
N PRO A 183 3.58 -22.63 6.84
CA PRO A 183 4.46 -23.05 5.74
C PRO A 183 3.75 -23.77 4.60
N ASN A 184 2.57 -24.33 4.87
CA ASN A 184 1.82 -25.04 3.83
C ASN A 184 0.92 -24.17 3.02
N LEU A 185 0.90 -22.88 3.31
CA LEU A 185 0.02 -21.96 2.59
C LEU A 185 0.32 -21.93 1.10
N PHE A 186 -0.73 -22.19 0.27
CA PHE A 186 -0.71 -22.18 -1.22
C PHE A 186 -0.15 -23.44 -1.84
N VAL A 187 0.31 -24.39 -1.02
CA VAL A 187 0.89 -25.63 -1.55
C VAL A 187 -0.21 -26.55 -2.00
N GLY A 188 0.01 -27.14 -3.16
CA GLY A 188 -0.95 -28.08 -3.74
C GLY A 188 -0.97 -29.42 -3.05
N TYR A 189 -1.77 -30.33 -3.57
CA TYR A 189 -1.86 -31.67 -3.07
C TYR A 189 -0.79 -32.52 -3.73
N LYS A 190 -0.85 -32.64 -5.06
CA LYS A 190 0.12 -33.38 -5.85
C LYS A 190 0.37 -32.57 -7.11
N PRO A 191 1.59 -32.65 -7.67
CA PRO A 191 1.87 -31.85 -8.88
C PRO A 191 1.02 -32.28 -10.06
N TYR A 192 0.54 -31.31 -10.84
CA TYR A 192 -0.19 -31.66 -12.06
C TYR A 192 0.86 -31.97 -13.15
N SER A 193 2.01 -31.27 -13.14
CA SER A 193 3.09 -31.47 -14.09
C SER A 193 4.38 -30.99 -13.42
N GLN A 194 5.48 -31.03 -14.14
CA GLN A 194 6.74 -30.53 -13.60
C GLN A 194 6.93 -29.04 -13.75
N ASN A 195 5.91 -28.35 -14.33
CA ASN A 195 5.92 -26.89 -14.43
C ASN A 195 5.91 -26.41 -12.96
N PRO A 196 6.80 -25.49 -12.52
CA PRO A 196 6.77 -25.06 -11.11
C PRO A 196 5.43 -24.51 -10.63
N ARG A 197 4.65 -23.93 -11.54
CA ARG A 197 3.33 -23.39 -11.18
C ARG A 197 2.44 -24.52 -10.67
N ASP A 198 2.66 -25.74 -11.19
CA ASP A 198 1.79 -26.87 -10.96
C ASP A 198 1.98 -27.62 -9.65
N TYR A 199 2.79 -27.02 -8.75
CA TYR A 199 2.94 -27.56 -7.39
C TYR A 199 2.14 -26.68 -6.40
N PHE A 200 1.53 -25.57 -6.89
CA PHE A 200 0.81 -24.61 -6.07
C PHE A 200 -0.63 -24.50 -6.49
N VAL A 201 -1.53 -24.12 -5.54
CA VAL A 201 -2.95 -24.06 -5.90
C VAL A 201 -3.23 -23.07 -7.06
N PRO A 202 -4.32 -23.30 -7.81
CA PRO A 202 -4.68 -22.39 -8.92
C PRO A 202 -5.03 -20.99 -8.47
N ASP A 203 -5.02 -20.05 -9.42
CA ASP A 203 -5.32 -18.65 -9.16
C ASP A 203 -6.67 -18.40 -8.48
N ASN A 204 -7.69 -19.24 -8.76
CA ASN A 204 -8.98 -19.06 -8.07
C ASN A 204 -8.94 -19.28 -6.56
N GLU A 205 -7.93 -20.02 -6.10
N GLU A 205 -7.96 -20.03 -6.05
CA GLU A 205 -7.72 -20.32 -4.69
CA GLU A 205 -7.83 -20.25 -4.61
C GLU A 205 -6.72 -19.37 -4.04
C GLU A 205 -6.95 -19.20 -3.95
N LEU A 206 -6.32 -18.33 -4.77
CA LEU A 206 -5.41 -17.30 -4.28
C LEU A 206 -6.19 -16.01 -4.15
N PRO A 207 -5.87 -15.20 -3.13
CA PRO A 207 -6.57 -13.90 -3.03
C PRO A 207 -6.06 -12.94 -4.13
N PRO A 208 -6.86 -11.90 -4.51
CA PRO A 208 -6.37 -10.90 -5.48
C PRO A 208 -5.00 -10.31 -5.12
N LEU A 209 -4.72 -10.09 -3.82
CA LEU A 209 -3.41 -9.55 -3.40
C LEU A 209 -2.23 -10.49 -3.72
N VAL A 210 -2.50 -11.76 -3.94
CA VAL A 210 -1.43 -12.69 -4.35
C VAL A 210 -1.42 -12.85 -5.88
N HIS A 211 -2.58 -13.12 -6.47
CA HIS A 211 -2.59 -13.34 -7.93
C HIS A 211 -2.39 -12.13 -8.81
N SER A 212 -2.88 -10.96 -8.36
N SER A 212 -2.83 -10.95 -8.36
CA SER A 212 -2.87 -9.75 -9.16
CA SER A 212 -2.76 -9.76 -9.19
C SER A 212 -1.99 -8.66 -8.58
C SER A 212 -1.96 -8.64 -8.58
N GLY A 213 -2.39 -8.19 -7.42
CA GLY A 213 -1.69 -7.09 -6.75
C GLY A 213 -2.58 -6.35 -5.80
N PHE A 214 -2.10 -5.17 -5.40
CA PHE A 214 -2.80 -4.33 -4.43
C PHE A 214 -3.11 -2.97 -5.05
N ASN A 215 -4.32 -2.44 -4.78
CA ASN A 215 -4.73 -1.12 -5.27
C ASN A 215 -4.77 -0.22 -4.04
N PRO A 216 -3.65 0.45 -3.70
CA PRO A 216 -3.64 1.25 -2.46
C PRO A 216 -4.58 2.44 -2.49
N SER A 217 -5.02 2.85 -1.32
CA SER A 217 -5.82 4.08 -1.16
C SER A 217 -5.57 4.54 0.27
N PHE A 218 -4.61 5.48 0.45
CA PHE A 218 -4.17 5.97 1.75
C PHE A 218 -4.16 7.48 1.77
N ILE A 219 -4.40 8.07 2.93
CA ILE A 219 -4.35 9.54 3.07
C ILE A 219 -3.38 9.94 4.12
N ALA A 220 -2.72 11.07 3.88
CA ALA A 220 -1.90 11.69 4.91
C ALA A 220 -2.07 13.16 4.76
N THR A 221 -2.13 13.89 5.87
CA THR A 221 -2.16 15.35 5.78
C THR A 221 -0.94 15.88 6.48
N VAL A 222 -0.29 16.87 5.86
CA VAL A 222 0.85 17.52 6.48
C VAL A 222 0.58 19.00 6.61
N SER A 223 1.12 19.61 7.65
CA SER A 223 1.03 21.05 7.83
C SER A 223 2.42 21.63 7.54
N HIS A 224 2.47 22.89 7.17
CA HIS A 224 3.72 23.60 6.89
C HIS A 224 3.65 24.97 7.53
N GLU A 225 4.72 25.39 8.23
CA GLU A 225 4.76 26.70 8.86
C GLU A 225 4.74 27.77 7.80
N LYS A 226 3.78 28.70 7.91
CA LYS A 226 3.67 29.75 6.89
C LYS A 226 4.88 30.63 6.88
N GLY A 227 5.31 30.98 5.67
CA GLY A 227 6.44 31.87 5.48
C GLY A 227 7.81 31.32 5.85
N SER A 228 7.90 30.01 6.15
CA SER A 228 9.12 29.33 6.59
C SER A 228 10.05 28.83 5.46
N GLY A 229 9.54 28.81 4.25
CA GLY A 229 10.30 28.31 3.10
C GLY A 229 9.35 27.82 2.03
N ASP A 230 9.63 28.16 0.78
CA ASP A 230 8.73 27.85 -0.35
C ASP A 230 8.61 26.40 -0.71
N THR A 231 9.63 25.59 -0.45
CA THR A 231 9.60 24.19 -0.89
C THR A 231 9.85 23.15 0.18
N SER A 232 9.31 21.95 -0.04
CA SER A 232 9.55 20.79 0.79
C SER A 232 9.70 19.58 -0.10
N GLU A 233 10.50 18.62 0.34
CA GLU A 233 10.69 17.38 -0.40
C GLU A 233 9.94 16.27 0.33
N PHE A 234 9.22 15.42 -0.42
CA PHE A 234 8.55 14.27 0.15
C PHE A 234 8.98 13.02 -0.61
N GLU A 235 9.24 11.92 0.10
CA GLU A 235 9.53 10.67 -0.57
C GLU A 235 8.35 9.75 -0.31
N ILE A 236 7.79 9.18 -1.37
CA ILE A 236 6.68 8.23 -1.25
C ILE A 236 7.18 6.91 -1.79
N THR A 237 7.00 5.87 -0.98
CA THR A 237 7.51 4.52 -1.29
C THR A 237 6.37 3.54 -1.36
N TYR A 238 6.31 2.78 -2.48
CA TYR A 238 5.31 1.72 -2.64
C TYR A 238 6.10 0.46 -2.99
N GLY A 239 5.76 -0.63 -2.35
CA GLY A 239 6.45 -1.85 -2.73
C GLY A 239 5.92 -3.07 -2.05
N ARG A 240 6.81 -4.07 -1.98
CA ARG A 240 6.43 -5.35 -1.42
C ARG A 240 7.60 -6.01 -0.69
N ASN A 241 7.25 -6.83 0.32
CA ASN A 241 8.19 -7.75 0.97
C ASN A 241 7.74 -9.11 0.51
N MET A 242 8.60 -9.87 -0.16
N MET A 242 8.65 -9.87 -0.08
CA MET A 242 8.17 -11.16 -0.68
CA MET A 242 8.32 -11.18 -0.64
C MET A 242 8.71 -12.34 0.12
C MET A 242 8.73 -12.34 0.24
N ASP A 243 7.87 -13.36 0.29
CA ASP A 243 8.21 -14.62 0.90
C ASP A 243 8.39 -15.64 -0.21
N VAL A 244 9.07 -16.75 0.09
CA VAL A 244 9.15 -17.85 -0.84
C VAL A 244 8.61 -19.08 -0.14
N THR A 245 7.74 -19.80 -0.84
CA THR A 245 7.24 -21.10 -0.39
C THR A 245 7.88 -22.14 -1.28
N HIS A 246 8.52 -23.16 -0.67
CA HIS A 246 9.05 -24.28 -1.43
C HIS A 246 8.06 -25.43 -1.27
N ALA A 247 7.79 -26.17 -2.33
CA ALA A 247 6.93 -27.34 -2.27
C ALA A 247 7.78 -28.52 -2.76
N THR A 248 7.86 -29.55 -1.94
CA THR A 248 8.72 -30.72 -2.22
C THR A 248 7.87 -31.93 -2.31
N ARG A 249 8.15 -32.72 -3.34
CA ARG A 249 7.54 -33.98 -3.69
C ARG A 249 8.51 -35.09 -3.23
N ARG A 250 8.16 -35.78 -2.14
CA ARG A 250 8.93 -36.89 -1.58
C ARG A 250 8.27 -38.23 -1.96
N THR A 251 8.89 -38.99 -2.88
CA THR A 251 8.39 -40.28 -3.35
C THR A 251 8.58 -41.36 -2.29
N THR A 252 7.48 -42.04 -1.91
CA THR A 252 7.47 -43.11 -0.92
C THR A 252 6.39 -44.14 -1.21
N HIS A 253 6.74 -45.42 -1.03
CA HIS A 253 5.77 -46.49 -1.18
C HIS A 253 4.96 -46.64 0.10
N TYR A 254 5.31 -45.87 1.16
CA TYR A 254 4.72 -46.09 2.49
C TYR A 254 3.85 -45.05 3.10
N GLY A 255 4.30 -43.81 3.07
CA GLY A 255 3.58 -42.74 3.74
C GLY A 255 2.75 -41.92 2.81
N ASN A 256 2.61 -40.66 3.19
CA ASN A 256 1.86 -39.67 2.45
C ASN A 256 2.82 -39.05 1.43
N SER A 257 2.45 -39.12 0.15
CA SER A 257 3.28 -38.58 -0.93
C SER A 257 2.78 -37.20 -1.37
N ALA A 258 1.91 -36.57 -0.56
CA ALA A 258 1.41 -35.23 -0.85
C ALA A 258 2.54 -34.24 -0.71
N LEU A 259 2.42 -33.12 -1.40
CA LEU A 259 3.44 -32.07 -1.32
C LEU A 259 3.55 -31.48 0.07
N GLU A 260 4.76 -31.09 0.44
CA GLU A 260 5.04 -30.49 1.73
C GLU A 260 5.65 -29.14 1.49
N GLY A 261 5.19 -28.17 2.24
CA GLY A 261 5.65 -26.81 2.13
C GLY A 261 6.63 -26.36 3.19
N SER A 262 7.56 -25.49 2.80
CA SER A 262 8.48 -24.85 3.71
C SER A 262 8.48 -23.39 3.32
N ARG A 263 8.73 -22.52 4.28
CA ARG A 263 8.69 -21.10 4.02
C ARG A 263 10.01 -20.41 4.27
N ILE A 264 10.38 -19.52 3.38
CA ILE A 264 11.49 -18.61 3.58
C ILE A 264 10.79 -17.28 3.78
N HIS A 265 10.63 -16.91 5.05
CA HIS A 265 9.98 -15.65 5.40
C HIS A 265 10.96 -14.51 5.20
N ASN A 266 10.47 -13.39 4.62
CA ASN A 266 11.31 -12.21 4.35
C ASN A 266 12.47 -12.56 3.41
N ALA A 267 12.17 -13.35 2.38
CA ALA A 267 13.15 -13.73 1.36
C ALA A 267 13.64 -12.52 0.59
N PHE A 268 12.74 -11.63 0.15
CA PHE A 268 13.12 -10.48 -0.66
C PHE A 268 12.37 -9.27 -0.13
N VAL A 269 12.95 -8.61 0.88
CA VAL A 269 12.28 -7.47 1.50
C VAL A 269 12.58 -6.15 0.85
N ASN A 270 11.68 -5.19 1.08
CA ASN A 270 11.80 -3.82 0.64
C ASN A 270 12.05 -3.70 -0.85
N ARG A 271 11.24 -4.41 -1.63
CA ARG A 271 11.32 -4.32 -3.09
C ARG A 271 10.41 -3.14 -3.42
N ASN A 272 10.96 -1.94 -3.27
CA ASN A 272 10.16 -0.72 -3.34
C ASN A 272 10.52 0.26 -4.40
N TYR A 273 9.50 0.92 -4.93
CA TYR A 273 9.63 2.03 -5.86
C TYR A 273 9.47 3.29 -5.00
N THR A 274 10.49 4.14 -4.98
CA THR A 274 10.49 5.38 -4.23
C THR A 274 10.56 6.56 -5.19
N VAL A 275 9.67 7.53 -5.01
CA VAL A 275 9.63 8.72 -5.83
C VAL A 275 9.78 9.90 -4.91
N LYS A 276 10.64 10.84 -5.29
CA LYS A 276 10.84 12.06 -4.51
C LYS A 276 10.06 13.18 -5.21
N TYR A 277 9.17 13.85 -4.45
CA TYR A 277 8.36 14.95 -4.96
C TYR A 277 8.75 16.22 -4.26
N GLU A 278 8.87 17.32 -5.02
CA GLU A 278 9.12 18.63 -4.43
C GLU A 278 7.79 19.37 -4.51
N VAL A 279 7.39 19.91 -3.37
CA VAL A 279 6.18 20.67 -3.22
C VAL A 279 6.55 22.13 -3.08
N ASN A 280 5.87 23.01 -3.81
CA ASN A 280 6.08 24.45 -3.65
C ASN A 280 4.80 25.04 -3.01
N TRP A 281 4.93 25.48 -1.76
CA TRP A 281 3.83 26.01 -0.96
C TRP A 281 3.34 27.37 -1.44
N LYS A 282 4.21 28.13 -2.14
CA LYS A 282 3.89 29.45 -2.66
C LYS A 282 3.11 29.33 -3.99
N THR A 283 3.66 28.59 -4.97
CA THR A 283 3.11 28.44 -6.33
C THR A 283 2.16 27.25 -6.53
N HIS A 284 2.26 26.22 -5.68
CA HIS A 284 1.50 24.96 -5.78
C HIS A 284 2.02 24.04 -6.89
N GLU A 285 3.24 24.31 -7.39
CA GLU A 285 3.85 23.43 -8.36
C GLU A 285 4.34 22.21 -7.59
N ILE A 286 3.99 21.03 -8.11
CA ILE A 286 4.48 19.76 -7.60
C ILE A 286 5.39 19.31 -8.71
N LYS A 287 6.57 18.80 -8.36
CA LYS A 287 7.44 18.28 -9.40
C LYS A 287 8.13 17.00 -8.92
N VAL A 288 8.34 16.04 -9.83
CA VAL A 288 9.10 14.84 -9.50
C VAL A 288 10.57 15.21 -9.55
N LYS A 289 11.31 14.93 -8.47
CA LYS A 289 12.73 15.25 -8.38
C LYS A 289 13.62 14.07 -8.74
N GLY A 290 13.08 12.87 -8.56
CA GLY A 290 13.83 11.65 -8.81
C GLY A 290 13.08 10.43 -8.38
N HIS A 291 13.64 9.29 -8.72
CA HIS A 291 13.05 8.00 -8.40
C HIS A 291 14.08 6.91 -8.60
N ASN A 292 13.74 5.71 -8.15
CA ASN A 292 14.59 4.55 -8.36
C ASN A 292 13.95 3.59 -9.40
CAC FLC B . 13.87 -6.00 -11.20
CA FLC B . 13.25 -7.28 -10.66
CB FLC B . 11.79 -7.18 -10.19
CBC FLC B . 11.32 -8.52 -9.56
CG FLC B . 11.62 -6.11 -9.09
CGC FLC B . 12.55 -6.22 -7.89
OA1 FLC B . 14.01 -5.90 -12.43
OA2 FLC B . 14.21 -5.12 -10.37
OB1 FLC B . 10.22 -8.94 -9.92
OB2 FLC B . 12.14 -9.14 -8.83
OG1 FLC B . 13.75 -5.85 -8.05
OG2 FLC B . 12.08 -6.63 -6.80
OHB FLC B . 10.97 -6.85 -11.29
CAC FLC C . 14.81 -19.73 -2.64
CAC FLC C . 19.09 -16.60 -2.22
CA FLC C . 15.40 -18.32 -2.75
CA FLC C . 17.68 -16.77 -2.75
CB FLC C . 16.90 -18.26 -2.43
CB FLC C . 16.78 -17.70 -1.92
CBC FLC C . 17.69 -19.07 -3.46
CBC FLC C . 16.30 -16.93 -0.66
CG FLC C . 17.36 -16.79 -2.45
CG FLC C . 15.56 -18.13 -2.75
CGC FLC C . 18.83 -16.61 -2.84
CGC FLC C . 15.04 -19.53 -2.45
OA1 FLC C . 13.87 -20.03 -3.42
OA1 FLC C . 19.70 -17.62 -1.83
OA2 FLC C . 15.30 -20.51 -1.81
OA2 FLC C . 19.58 -15.46 -2.19
OB1 FLC C . 17.61 -18.72 -4.65
OB1 FLC C . 15.57 -15.95 -0.83
OB2 FLC C . 18.37 -20.02 -3.02
OB2 FLC C . 16.68 -17.38 0.44
OG1 FLC C . 19.26 -17.25 -3.82
OG1 FLC C . 14.00 -19.92 -3.02
OG2 FLC C . 19.51 -15.82 -2.14
OG2 FLC C . 15.71 -20.24 -1.66
OHB FLC C . 17.13 -18.79 -1.13
OHB FLC C . 17.53 -18.84 -1.53
C1 EDO D . -6.17 28.72 13.75
O1 EDO D . -5.39 27.75 13.00
C2 EDO D . -7.61 28.19 13.93
O2 EDO D . -7.56 26.95 14.60
#